data_1OR7
#
_entry.id   1OR7
#
_cell.length_a   140.049
_cell.length_b   56.901
_cell.length_c   104.981
_cell.angle_alpha   90.00
_cell.angle_beta   130.51
_cell.angle_gamma   90.00
#
_symmetry.space_group_name_H-M   'C 1 2 1'
#
loop_
_entity.id
_entity.type
_entity.pdbx_description
1 polymer 'RNA polymerase sigma-E factor'
2 polymer 'Sigma-E factor negative regulatory protein'
3 water water
#
loop_
_entity_poly.entity_id
_entity_poly.type
_entity_poly.pdbx_seq_one_letter_code
_entity_poly.pdbx_strand_id
1 'polypeptide(L)'
;GSHMSEQLTDQVLVERVQKGDQKAFNLLVVRYQHKVASLVSRYVPSGDVPDVVQEAFIKAYRALDSFRGDSAFYTWLYRI
AVNTAKNYLVAQGRRPPSSDVDAIEAENFESGGALKEISNPENLMLSEELRQIVFRTIESLPEDLRMAITLRELDGLSYE
EIAAIMDCPVGTVRSRIFRAREAIDNKVQPLIRR
;
A,B
2 'polypeptide(L)'
;MQKEQLSALMDGETLDSELLNELAHNPEMQKTWESYHLIRDSMRGDTPEVLHFDISSRVMAAIEEEPVRQPATLIPEAQP
APHQWQKMPF
;
C,F
#
# COMPACT_ATOMS: atom_id res chain seq x y z
N SER A 2 14.52 17.26 10.80
CA SER A 2 15.15 16.98 12.12
C SER A 2 16.68 17.18 12.09
N HIS A 3 17.20 17.95 11.15
CA HIS A 3 18.63 18.29 11.20
C HIS A 3 19.08 19.51 10.39
N MET A 4 20.34 19.89 10.60
CA MET A 4 21.08 20.74 9.68
C MET A 4 22.52 20.21 9.49
N SER A 5 23.19 19.84 10.57
CA SER A 5 24.49 19.19 10.48
C SER A 5 24.45 18.01 9.50
N GLU A 6 23.26 17.44 9.30
CA GLU A 6 23.10 16.37 8.33
C GLU A 6 23.32 16.93 6.97
N GLN A 7 22.98 18.21 6.82
CA GLN A 7 23.21 18.91 5.57
C GLN A 7 24.71 18.89 5.25
N LEU A 8 25.52 18.85 6.30
CA LEU A 8 26.96 18.89 6.11
C LEU A 8 27.42 17.68 5.32
N THR A 9 26.86 16.53 5.64
CA THR A 9 27.21 15.33 4.94
C THR A 9 26.71 15.38 3.51
N ASP A 10 25.49 15.88 3.33
CA ASP A 10 24.97 16.02 1.99
C ASP A 10 25.90 16.88 1.12
N GLN A 11 26.30 18.03 1.64
CA GLN A 11 27.19 18.91 0.86
C GLN A 11 28.46 18.20 0.45
N VAL A 12 29.09 17.48 1.36
CA VAL A 12 30.32 16.78 1.02
C VAL A 12 30.03 15.73 -0.06
N LEU A 13 28.93 14.98 0.08
CA LEU A 13 28.60 13.96 -0.91
C LEU A 13 28.29 14.61 -2.25
N VAL A 14 27.51 15.69 -2.23
CA VAL A 14 27.14 16.37 -3.46
C VAL A 14 28.40 16.87 -4.19
N GLU A 15 29.38 17.38 -3.45
CA GLU A 15 30.62 17.85 -4.08
C GLU A 15 31.29 16.70 -4.85
N ARG A 16 31.30 15.50 -4.28
CA ARG A 16 31.93 14.36 -4.97
C ARG A 16 31.15 13.94 -6.20
N VAL A 17 29.82 13.91 -6.09
CA VAL A 17 28.99 13.55 -7.23
C VAL A 17 29.24 14.50 -8.38
N GLN A 18 29.42 15.79 -8.07
CA GLN A 18 29.63 16.79 -9.09
C GLN A 18 30.97 16.55 -9.80
N LYS A 19 31.88 15.83 -9.14
CA LYS A 19 33.15 15.54 -9.76
C LYS A 19 33.13 14.25 -10.55
N GLY A 20 32.01 13.54 -10.50
CA GLY A 20 31.86 12.29 -11.23
C GLY A 20 31.76 11.05 -10.37
N ASP A 21 31.73 11.21 -9.05
CA ASP A 21 31.67 10.07 -8.13
C ASP A 21 30.26 9.51 -7.98
N GLN A 22 29.99 8.41 -8.69
CA GLN A 22 28.68 7.82 -8.65
C GLN A 22 28.42 7.06 -7.36
N LYS A 23 29.49 6.56 -6.74
CA LYS A 23 29.32 5.87 -5.47
C LYS A 23 28.75 6.84 -4.43
N ALA A 24 29.21 8.08 -4.49
CA ALA A 24 28.70 9.06 -3.57
C ALA A 24 27.22 9.34 -3.87
N PHE A 25 26.83 9.30 -5.14
CA PHE A 25 25.42 9.51 -5.46
C PHE A 25 24.55 8.38 -4.86
N ASN A 26 25.00 7.14 -4.98
CA ASN A 26 24.29 6.03 -4.40
C ASN A 26 24.01 6.27 -2.91
N LEU A 27 25.00 6.81 -2.18
CA LEU A 27 24.81 7.08 -0.76
C LEU A 27 23.69 8.08 -0.55
N LEU A 28 23.64 9.09 -1.42
CA LEU A 28 22.61 10.13 -1.32
C LEU A 28 21.24 9.57 -1.64
N VAL A 29 21.19 8.67 -2.59
CA VAL A 29 19.92 8.12 -3.00
C VAL A 29 19.35 7.24 -1.88
N VAL A 30 20.22 6.45 -1.26
CA VAL A 30 19.83 5.59 -0.13
C VAL A 30 19.32 6.48 1.00
N ARG A 31 19.99 7.60 1.19
CA ARG A 31 19.58 8.52 2.22
C ARG A 31 18.21 9.12 1.95
N TYR A 32 17.95 9.50 0.70
CA TYR A 32 16.74 10.22 0.36
C TYR A 32 15.60 9.40 -0.28
N GLN A 33 15.81 8.12 -0.53
CA GLN A 33 14.81 7.32 -1.25
C GLN A 33 13.39 7.26 -0.67
N HIS A 34 13.26 7.05 0.64
CA HIS A 34 11.94 6.99 1.29
C HIS A 34 11.33 8.36 1.50
N LYS A 35 12.15 9.36 1.82
CA LYS A 35 11.68 10.72 1.90
C LYS A 35 11.11 11.19 0.57
N VAL A 36 11.83 10.91 -0.51
CA VAL A 36 11.38 11.29 -1.86
C VAL A 36 10.10 10.54 -2.24
N ALA A 37 10.03 9.26 -1.93
CA ALA A 37 8.81 8.48 -2.16
C ALA A 37 7.65 9.05 -1.36
N SER A 38 7.92 9.44 -0.11
CA SER A 38 6.83 9.95 0.73
C SER A 38 6.24 11.21 0.12
N LEU A 39 7.11 12.08 -0.34
CA LEU A 39 6.71 13.29 -1.00
C LEU A 39 5.92 13.00 -2.30
N VAL A 40 6.49 12.17 -3.14
CA VAL A 40 5.87 11.87 -4.43
C VAL A 40 4.48 11.22 -4.27
N SER A 41 4.34 10.39 -3.25
CA SER A 41 3.13 9.65 -2.96
C SER A 41 1.97 10.54 -2.54
N ARG A 42 2.25 11.81 -2.27
CA ARG A 42 1.19 12.76 -1.95
C ARG A 42 0.56 13.30 -3.22
N TYR A 43 1.22 13.12 -4.36
CA TYR A 43 0.71 13.61 -5.61
C TYR A 43 0.29 12.57 -6.64
N VAL A 44 0.93 11.41 -6.72
CA VAL A 44 0.52 10.46 -7.76
C VAL A 44 -0.04 9.17 -7.18
N PRO A 45 -0.77 8.46 -8.02
CA PRO A 45 -1.35 7.17 -7.63
C PRO A 45 -0.22 6.23 -7.23
N SER A 46 -0.48 5.39 -6.25
CA SER A 46 0.55 4.48 -5.71
C SER A 46 1.26 3.66 -6.76
N GLY A 47 0.52 3.22 -7.77
CA GLY A 47 1.09 2.42 -8.85
C GLY A 47 2.16 3.18 -9.63
N ASP A 48 2.16 4.50 -9.53
CA ASP A 48 3.11 5.24 -10.33
C ASP A 48 4.25 5.79 -9.53
N VAL A 49 4.16 5.64 -8.22
CA VAL A 49 5.17 6.21 -7.33
C VAL A 49 6.63 5.79 -7.64
N PRO A 50 6.90 4.51 -7.85
CA PRO A 50 8.29 4.10 -8.15
C PRO A 50 8.84 4.77 -9.40
N ASP A 51 8.05 4.80 -10.47
CA ASP A 51 8.51 5.41 -11.71
C ASP A 51 8.79 6.91 -11.55
N VAL A 52 7.92 7.61 -10.85
CA VAL A 52 8.09 9.03 -10.62
C VAL A 52 9.32 9.28 -9.73
N VAL A 53 9.47 8.52 -8.65
CA VAL A 53 10.62 8.64 -7.78
C VAL A 53 11.91 8.44 -8.59
N GLN A 54 11.90 7.43 -9.44
CA GLN A 54 13.04 7.11 -10.29
C GLN A 54 13.37 8.29 -11.20
N GLU A 55 12.37 8.79 -11.90
CA GLU A 55 12.56 9.94 -12.77
C GLU A 55 13.04 11.16 -11.99
N ALA A 56 12.56 11.35 -10.75
CA ALA A 56 13.02 12.49 -9.96
C ALA A 56 14.50 12.40 -9.65
N PHE A 57 14.97 11.22 -9.25
CA PHE A 57 16.39 11.06 -8.94
C PHE A 57 17.25 11.26 -10.18
N ILE A 58 16.79 10.77 -11.32
CA ILE A 58 17.57 10.91 -12.55
C ILE A 58 17.67 12.37 -12.97
N LYS A 59 16.54 13.07 -12.87
CA LYS A 59 16.49 14.50 -13.17
C LYS A 59 17.43 15.25 -12.24
N ALA A 60 17.45 14.89 -10.96
CA ALA A 60 18.32 15.55 -10.02
C ALA A 60 19.81 15.30 -10.38
N TYR A 61 20.12 14.07 -10.69
CA TYR A 61 21.47 13.72 -11.06
C TYR A 61 21.93 14.55 -12.26
N ARG A 62 21.10 14.60 -13.28
CA ARG A 62 21.41 15.35 -14.48
C ARG A 62 21.56 16.85 -14.25
N ALA A 63 20.75 17.41 -13.37
CA ALA A 63 20.79 18.85 -13.10
C ALA A 63 21.78 19.22 -12.01
N LEU A 64 22.55 18.25 -11.53
CA LEU A 64 23.36 18.50 -10.37
C LEU A 64 24.48 19.51 -10.64
N ASP A 65 24.92 19.63 -11.87
CA ASP A 65 25.94 20.64 -12.22
C ASP A 65 25.47 22.03 -11.84
N SER A 66 24.17 22.19 -11.65
CA SER A 66 23.59 23.51 -11.49
C SER A 66 23.29 23.82 -10.03
N PHE A 67 23.27 22.80 -9.20
CA PHE A 67 23.10 23.03 -7.79
C PHE A 67 24.35 23.76 -7.30
N ARG A 68 24.18 25.00 -6.89
CA ARG A 68 25.33 25.78 -6.46
C ARG A 68 25.43 25.85 -4.95
N GLY A 69 24.54 25.13 -4.27
CA GLY A 69 24.53 25.15 -2.82
C GLY A 69 23.93 26.47 -2.35
N ASP A 70 23.03 27.03 -3.14
CA ASP A 70 22.38 28.29 -2.80
C ASP A 70 21.38 28.02 -1.68
N SER A 71 20.83 26.81 -1.70
CA SER A 71 19.94 26.36 -0.67
C SER A 71 20.42 24.99 -0.21
N ALA A 72 19.73 24.43 0.76
CA ALA A 72 20.05 23.09 1.23
C ALA A 72 19.76 22.09 0.11
N PHE A 73 20.61 21.07 -0.04
CA PHE A 73 20.40 20.06 -1.06
C PHE A 73 19.00 19.40 -0.96
N TYR A 74 18.52 19.09 0.24
CA TYR A 74 17.24 18.40 0.32
C TYR A 74 16.13 19.21 -0.29
N THR A 75 16.11 20.49 0.05
CA THR A 75 15.10 21.37 -0.52
C THR A 75 15.18 21.39 -2.05
N TRP A 76 16.38 21.51 -2.58
CA TRP A 76 16.56 21.48 -4.04
C TRP A 76 16.00 20.18 -4.60
N LEU A 77 16.33 19.06 -3.96
CA LEU A 77 15.86 17.76 -4.43
C LEU A 77 14.34 17.59 -4.35
N TYR A 78 13.76 17.96 -3.23
CA TYR A 78 12.30 17.92 -3.11
C TYR A 78 11.59 18.78 -4.16
N ARG A 79 12.11 19.96 -4.48
CA ARG A 79 11.42 20.81 -5.47
C ARG A 79 11.42 20.03 -6.77
N ILE A 80 12.55 19.41 -7.09
CA ILE A 80 12.60 18.62 -8.32
C ILE A 80 11.55 17.50 -8.25
N ALA A 81 11.46 16.80 -7.13
CA ALA A 81 10.54 15.68 -7.04
C ALA A 81 9.09 16.16 -7.14
N VAL A 82 8.79 17.29 -6.53
CA VAL A 82 7.44 17.84 -6.61
C VAL A 82 7.07 18.20 -8.04
N ASN A 83 7.98 18.86 -8.72
CA ASN A 83 7.73 19.29 -10.08
C ASN A 83 7.56 18.09 -10.99
N THR A 84 8.31 17.03 -10.70
CA THR A 84 8.30 15.83 -11.50
C THR A 84 6.96 15.16 -11.33
N ALA A 85 6.53 15.08 -10.07
CA ALA A 85 5.25 14.51 -9.73
C ALA A 85 4.11 15.30 -10.37
N LYS A 86 4.11 16.60 -10.13
CA LYS A 86 3.04 17.45 -10.66
C LYS A 86 2.91 17.28 -12.16
N ASN A 87 4.04 17.18 -12.86
CA ASN A 87 3.99 17.00 -14.30
C ASN A 87 3.34 15.69 -14.67
N TYR A 88 3.56 14.69 -13.82
CA TYR A 88 2.89 13.44 -14.03
C TYR A 88 1.37 13.61 -13.90
N LEU A 89 0.93 14.35 -12.87
CA LEU A 89 -0.50 14.61 -12.67
C LEU A 89 -1.14 15.36 -13.84
N VAL A 90 -0.39 16.29 -14.43
CA VAL A 90 -0.88 17.04 -15.59
C VAL A 90 -1.13 16.08 -16.76
N ALA A 91 -0.14 15.23 -17.04
CA ALA A 91 -0.25 14.25 -18.10
C ALA A 91 -1.50 13.36 -17.91
N GLN A 92 -1.69 12.90 -16.68
CA GLN A 92 -2.85 12.06 -16.34
C GLN A 92 -4.17 12.84 -16.42
N GLY A 93 -4.15 14.13 -16.09
CA GLY A 93 -5.36 14.93 -16.09
C GLY A 93 -5.72 15.46 -17.46
N ARG A 94 -5.02 14.97 -18.49
CA ARG A 94 -5.27 15.37 -19.85
C ARG A 94 -5.65 14.15 -20.65
N ARG A 95 -5.98 13.08 -19.92
CA ARG A 95 -6.45 11.84 -20.50
C ARG A 95 -7.68 12.09 -21.35
N PRO A 96 -7.81 11.33 -22.44
CA PRO A 96 -8.98 11.42 -23.33
C PRO A 96 -10.26 10.89 -22.67
N PRO A 97 -11.35 10.85 -23.43
CA PRO A 97 -12.62 10.41 -22.88
C PRO A 97 -12.57 8.92 -22.58
N SER A 98 -11.95 8.20 -23.49
CA SER A 98 -11.97 6.75 -23.47
C SER A 98 -10.93 6.12 -22.55
N SER A 99 -10.14 6.93 -21.85
CA SER A 99 -9.13 6.35 -20.94
C SER A 99 -9.77 5.90 -19.62
N ASP A 100 -10.83 6.59 -19.21
CA ASP A 100 -11.53 6.25 -17.99
C ASP A 100 -12.41 5.04 -18.27
N VAL A 101 -13.02 5.02 -19.45
CA VAL A 101 -13.87 3.92 -19.88
C VAL A 101 -13.04 2.64 -19.90
N ASP A 102 -11.80 2.76 -20.34
CA ASP A 102 -10.91 1.61 -20.41
C ASP A 102 -10.60 1.13 -19.00
N ALA A 103 -10.23 2.07 -18.14
CA ALA A 103 -9.93 1.73 -16.76
C ALA A 103 -11.10 0.99 -16.15
N ILE A 104 -12.31 1.48 -16.40
CA ILE A 104 -13.49 0.84 -15.86
C ILE A 104 -13.66 -0.60 -16.38
N GLU A 105 -13.44 -0.80 -17.68
CA GLU A 105 -13.62 -2.11 -18.31
C GLU A 105 -12.46 -3.06 -18.04
N ALA A 106 -11.29 -2.50 -17.76
CA ALA A 106 -10.09 -3.30 -17.48
C ALA A 106 -9.95 -3.63 -15.98
N GLU A 107 -10.82 -3.05 -15.16
CA GLU A 107 -10.71 -3.18 -13.70
C GLU A 107 -11.00 -4.58 -13.19
N ASN A 108 -12.22 -5.04 -13.41
CA ASN A 108 -12.62 -6.35 -12.91
C ASN A 108 -11.87 -7.49 -13.59
N PHE A 109 -11.46 -8.47 -12.79
CA PHE A 109 -10.78 -9.65 -13.29
C PHE A 109 -11.69 -10.38 -14.29
N GLU A 110 -11.09 -10.92 -15.33
CA GLU A 110 -11.80 -11.65 -16.36
C GLU A 110 -11.42 -13.11 -16.31
N SER A 111 -12.44 -13.95 -16.20
CA SER A 111 -12.32 -15.39 -16.33
C SER A 111 -12.11 -15.63 -17.84
N GLY A 112 -10.96 -16.17 -18.27
CA GLY A 112 -9.84 -16.60 -17.45
C GLY A 112 -8.77 -15.54 -17.52
N GLY A 113 -7.76 -15.68 -16.67
CA GLY A 113 -6.73 -14.67 -16.47
C GLY A 113 -6.95 -13.26 -17.05
N ALA A 114 -7.32 -12.33 -16.19
CA ALA A 114 -7.36 -10.91 -16.52
C ALA A 114 -6.34 -10.22 -15.62
N ASN A 123 10.13 -7.12 -1.40
CA ASN A 123 10.28 -5.69 -1.80
C ASN A 123 9.30 -4.71 -1.15
N LEU A 124 8.18 -5.19 -0.62
CA LEU A 124 7.16 -4.30 -0.03
C LEU A 124 6.92 -4.44 1.48
N MET A 125 6.67 -3.32 2.15
CA MET A 125 6.27 -3.39 3.54
C MET A 125 5.46 -2.15 3.94
N LEU A 126 4.47 -2.34 4.80
CA LEU A 126 3.69 -1.22 5.31
C LEU A 126 4.55 -0.44 6.27
N SER A 127 4.65 0.85 6.03
CA SER A 127 5.47 1.69 6.89
C SER A 127 4.94 1.75 8.35
N GLU A 128 3.62 1.70 8.53
CA GLU A 128 3.10 1.73 9.89
C GLU A 128 3.57 0.49 10.61
N GLU A 129 3.70 -0.61 9.89
CA GLU A 129 4.17 -1.83 10.51
C GLU A 129 5.60 -1.64 11.03
N LEU A 130 6.45 -1.05 10.20
CA LEU A 130 7.82 -0.80 10.58
C LEU A 130 7.87 0.18 11.73
N ARG A 131 7.07 1.22 11.64
CA ARG A 131 7.05 2.21 12.70
C ARG A 131 6.67 1.63 14.06
N GLN A 132 5.73 0.69 14.08
CA GLN A 132 5.37 0.05 15.31
C GLN A 132 6.56 -0.72 15.87
N ILE A 133 7.28 -1.44 15.02
CA ILE A 133 8.44 -2.20 15.50
C ILE A 133 9.50 -1.26 16.10
N VAL A 134 9.82 -0.21 15.36
CA VAL A 134 10.82 0.75 15.81
C VAL A 134 10.46 1.40 17.13
N PHE A 135 9.21 1.80 17.28
CA PHE A 135 8.84 2.53 18.50
C PHE A 135 8.71 1.64 19.71
N ARG A 136 8.35 0.38 19.48
CA ARG A 136 8.28 -0.61 20.53
C ARG A 136 9.69 -0.89 21.06
N THR A 137 10.64 -0.95 20.13
CA THR A 137 12.02 -1.17 20.53
C THR A 137 12.54 0.04 21.31
N ILE A 138 12.24 1.23 20.81
CA ILE A 138 12.66 2.44 21.48
C ILE A 138 12.10 2.48 22.89
N GLU A 139 10.86 2.04 23.06
CA GLU A 139 10.23 2.10 24.37
C GLU A 139 10.89 1.11 25.34
N SER A 140 11.52 0.08 24.80
CA SER A 140 12.19 -0.93 25.61
C SER A 140 13.63 -0.58 25.89
N LEU A 141 14.15 0.50 25.31
CA LEU A 141 15.56 0.83 25.55
C LEU A 141 15.69 1.48 26.91
N PRO A 142 16.89 1.39 27.50
CA PRO A 142 17.20 2.17 28.71
C PRO A 142 16.98 3.67 28.45
N GLU A 143 16.59 4.40 29.49
CA GLU A 143 16.33 5.84 29.39
C GLU A 143 17.42 6.57 28.62
N ASP A 144 18.67 6.22 28.92
CA ASP A 144 19.83 6.89 28.33
C ASP A 144 19.87 6.78 26.82
N LEU A 145 19.60 5.60 26.29
CA LEU A 145 19.58 5.43 24.84
C LEU A 145 18.34 6.06 24.21
N ARG A 146 17.20 5.94 24.86
CA ARG A 146 15.95 6.46 24.33
C ARG A 146 16.08 7.97 24.16
N MET A 147 16.52 8.63 25.21
CA MET A 147 16.66 10.07 25.17
C MET A 147 17.67 10.47 24.11
N ALA A 148 18.79 9.77 24.06
CA ALA A 148 19.83 10.09 23.09
C ALA A 148 19.30 10.06 21.65
N ILE A 149 18.64 8.98 21.27
CA ILE A 149 18.25 8.84 19.87
C ILE A 149 17.04 9.72 19.59
N THR A 150 16.26 9.99 20.64
CA THR A 150 15.10 10.87 20.55
C THR A 150 15.54 12.29 20.26
N LEU A 151 16.47 12.79 21.07
CA LEU A 151 16.96 14.15 20.93
C LEU A 151 17.59 14.35 19.54
N ARG A 152 18.38 13.37 19.11
CA ARG A 152 18.99 13.40 17.77
C ARG A 152 18.00 13.29 16.60
N GLU A 153 17.20 12.23 16.58
CA GLU A 153 16.32 12.00 15.43
C GLU A 153 14.99 12.75 15.41
N LEU A 154 14.36 12.97 16.56
CA LEU A 154 13.12 13.71 16.57
C LEU A 154 13.28 15.22 16.71
N ASP A 155 14.21 15.66 17.56
CA ASP A 155 14.41 17.10 17.80
C ASP A 155 15.52 17.70 16.91
N GLY A 156 16.32 16.84 16.29
CA GLY A 156 17.39 17.27 15.41
C GLY A 156 18.63 17.82 16.08
N LEU A 157 18.81 17.55 17.38
CA LEU A 157 19.93 18.15 18.11
C LEU A 157 21.31 17.54 17.82
N SER A 158 22.31 18.39 17.72
CA SER A 158 23.67 17.92 17.51
C SER A 158 24.22 17.22 18.74
N TYR A 159 25.32 16.51 18.59
CA TYR A 159 25.91 15.80 19.72
C TYR A 159 26.32 16.78 20.84
N GLU A 160 26.78 17.97 20.48
CA GLU A 160 27.18 18.97 21.49
C GLU A 160 25.98 19.41 22.30
N GLU A 161 24.87 19.65 21.62
CA GLU A 161 23.65 20.05 22.31
C GLU A 161 23.18 18.87 23.18
N ILE A 162 23.18 17.66 22.63
CA ILE A 162 22.72 16.52 23.42
C ILE A 162 23.61 16.34 24.64
N ALA A 163 24.91 16.49 24.45
CA ALA A 163 25.86 16.43 25.55
C ALA A 163 25.50 17.40 26.67
N ALA A 164 25.17 18.64 26.33
CA ALA A 164 24.85 19.63 27.36
C ALA A 164 23.55 19.25 28.04
N ILE A 165 22.57 18.77 27.25
CA ILE A 165 21.28 18.38 27.80
C ILE A 165 21.38 17.17 28.72
N MET A 166 22.18 16.19 28.36
CA MET A 166 22.31 15.02 29.22
C MET A 166 23.51 15.15 30.15
N ASP A 167 24.17 16.31 30.13
CA ASP A 167 25.38 16.51 30.93
C ASP A 167 26.33 15.31 30.83
N CYS A 168 26.82 15.00 29.62
CA CYS A 168 27.76 13.90 29.45
C CYS A 168 28.69 14.27 28.30
N PRO A 169 29.82 13.59 28.19
CA PRO A 169 30.74 13.85 27.09
C PRO A 169 30.13 13.53 25.72
N VAL A 170 30.63 14.20 24.69
CA VAL A 170 30.14 14.04 23.35
C VAL A 170 30.40 12.60 22.89
N GLY A 171 31.50 12.02 23.36
CA GLY A 171 31.83 10.63 23.07
C GLY A 171 30.75 9.70 23.59
N THR A 172 30.17 10.05 24.73
CA THR A 172 29.12 9.24 25.28
C THR A 172 27.84 9.41 24.47
N VAL A 173 27.56 10.61 23.99
CA VAL A 173 26.39 10.79 23.14
C VAL A 173 26.56 9.95 21.90
N ARG A 174 27.74 9.96 21.33
CA ARG A 174 27.96 9.23 20.11
C ARG A 174 27.66 7.77 20.33
N SER A 175 28.21 7.22 21.40
CA SER A 175 28.04 5.83 21.69
C SER A 175 26.59 5.46 22.01
N ARG A 176 25.86 6.35 22.68
CA ARG A 176 24.50 6.05 23.05
C ARG A 176 23.61 5.99 21.83
N ILE A 177 23.79 6.94 20.92
CA ILE A 177 23.01 6.93 19.71
C ILE A 177 23.32 5.69 18.88
N PHE A 178 24.59 5.33 18.81
CA PHE A 178 24.97 4.13 18.07
C PHE A 178 24.28 2.88 18.63
N ARG A 179 24.37 2.70 19.95
CA ARG A 179 23.80 1.51 20.56
C ARG A 179 22.29 1.45 20.42
N ALA A 180 21.62 2.60 20.42
CA ALA A 180 20.19 2.63 20.21
C ALA A 180 19.92 2.12 18.80
N ARG A 181 20.65 2.67 17.85
CA ARG A 181 20.50 2.28 16.47
C ARG A 181 20.76 0.81 16.30
N GLU A 182 21.79 0.28 16.94
CA GLU A 182 22.08 -1.14 16.80
C GLU A 182 20.95 -1.99 17.35
N ALA A 183 20.37 -1.55 18.46
CA ALA A 183 19.27 -2.28 19.07
C ALA A 183 18.08 -2.31 18.10
N ILE A 184 17.72 -1.15 17.57
CA ILE A 184 16.61 -1.07 16.65
C ILE A 184 16.87 -1.89 15.39
N ASP A 185 18.08 -1.79 14.86
CA ASP A 185 18.44 -2.54 13.65
C ASP A 185 18.27 -4.03 13.82
N ASN A 186 18.59 -4.51 15.00
CA ASN A 186 18.47 -5.93 15.26
C ASN A 186 17.03 -6.42 15.09
N LYS A 187 16.06 -5.58 15.39
CA LYS A 187 14.68 -6.00 15.25
C LYS A 187 14.12 -5.61 13.89
N VAL A 188 14.73 -4.62 13.23
CA VAL A 188 14.24 -4.16 11.94
C VAL A 188 14.85 -4.89 10.75
N GLN A 189 16.19 -4.89 10.68
CA GLN A 189 16.93 -5.52 9.57
C GLN A 189 16.98 -7.04 9.54
N PRO A 190 15.81 -7.61 9.54
CA PRO A 190 15.18 -8.82 9.05
C PRO A 190 13.68 -8.54 8.90
N MET B 1 36.75 0.40 9.36
CA MET B 1 35.78 1.37 9.93
C MET B 1 34.82 0.66 10.88
N GLN B 2 34.48 1.31 11.98
CA GLN B 2 33.47 0.78 12.88
C GLN B 2 32.10 1.35 12.58
N LYS B 3 31.07 0.58 12.89
CA LYS B 3 29.71 1.03 12.75
C LYS B 3 29.48 2.30 13.57
N GLU B 4 30.15 2.45 14.71
CA GLU B 4 29.97 3.66 15.50
C GLU B 4 30.38 4.91 14.71
N GLN B 5 31.42 4.77 13.89
CA GLN B 5 31.90 5.85 13.04
C GLN B 5 30.86 6.10 11.96
N LEU B 6 30.27 5.04 11.43
CA LEU B 6 29.18 5.18 10.46
C LEU B 6 28.02 5.96 11.09
N SER B 7 27.67 5.60 12.32
CA SER B 7 26.65 6.30 13.06
C SER B 7 26.97 7.78 13.17
N ALA B 8 28.20 8.11 13.53
CA ALA B 8 28.57 9.53 13.62
C ALA B 8 28.49 10.25 12.27
N LEU B 9 28.96 9.58 11.22
CA LEU B 9 28.94 10.14 9.88
C LEU B 9 27.50 10.51 9.40
N MET B 10 26.55 9.62 9.60
CA MET B 10 25.20 9.90 9.13
C MET B 10 24.55 11.06 9.92
N ASP B 11 25.17 11.43 11.04
CA ASP B 11 24.68 12.54 11.85
C ASP B 11 25.44 13.85 11.56
N GLY B 12 26.37 13.79 10.64
CA GLY B 12 27.14 14.96 10.27
C GLY B 12 28.17 15.30 11.32
N GLU B 13 28.43 14.35 12.20
CA GLU B 13 29.28 14.63 13.32
C GLU B 13 30.74 14.32 13.02
N THR B 14 31.00 13.63 11.90
CA THR B 14 32.35 13.53 11.36
C THR B 14 32.18 13.64 9.86
N LEU B 15 33.12 14.28 9.20
CA LEU B 15 33.04 14.43 7.76
C LEU B 15 34.32 13.91 7.12
N ASP B 16 34.98 12.98 7.80
CA ASP B 16 36.26 12.45 7.35
C ASP B 16 36.17 11.74 5.99
N SER B 17 36.96 12.22 5.04
CA SER B 17 36.94 11.69 3.69
C SER B 17 37.38 10.22 3.63
N GLU B 18 38.22 9.78 4.55
CA GLU B 18 38.66 8.38 4.55
C GLU B 18 37.47 7.52 4.95
N LEU B 19 36.65 8.05 5.86
CA LEU B 19 35.49 7.30 6.28
C LEU B 19 34.46 7.27 5.16
N LEU B 20 34.27 8.40 4.50
CA LEU B 20 33.32 8.38 3.39
C LEU B 20 33.79 7.36 2.36
N ASN B 21 35.08 7.36 2.06
CA ASN B 21 35.63 6.39 1.12
C ASN B 21 35.37 4.96 1.56
N GLU B 22 35.72 4.63 2.80
CA GLU B 22 35.53 3.25 3.26
C GLU B 22 34.06 2.87 3.10
N LEU B 23 33.16 3.77 3.47
CA LEU B 23 31.73 3.52 3.34
C LEU B 23 31.36 3.15 1.91
N ALA B 24 31.77 4.00 0.97
CA ALA B 24 31.51 3.75 -0.47
C ALA B 24 32.06 2.43 -1.03
N HIS B 25 33.03 1.83 -0.35
CA HIS B 25 33.65 0.60 -0.82
C HIS B 25 33.46 -0.58 0.12
N ASN B 26 32.58 -0.47 1.12
CA ASN B 26 32.38 -1.57 2.06
C ASN B 26 30.92 -2.00 2.05
N PRO B 27 30.65 -3.17 1.48
CA PRO B 27 29.27 -3.64 1.41
C PRO B 27 28.58 -3.70 2.76
N GLU B 28 29.27 -4.10 3.81
CA GLU B 28 28.61 -4.23 5.10
C GLU B 28 28.25 -2.86 5.65
N MET B 29 29.13 -1.89 5.45
CA MET B 29 28.84 -0.55 5.89
C MET B 29 27.70 0.01 5.04
N GLN B 30 27.61 -0.37 3.77
CA GLN B 30 26.53 0.11 2.92
C GLN B 30 25.18 -0.36 3.46
N LYS B 31 25.15 -1.59 3.93
CA LYS B 31 23.92 -2.13 4.51
C LYS B 31 23.52 -1.39 5.75
N THR B 32 24.51 -1.07 6.57
CA THR B 32 24.25 -0.32 7.79
C THR B 32 23.77 1.10 7.48
N TRP B 33 24.42 1.76 6.53
CA TRP B 33 23.97 3.06 6.10
C TRP B 33 22.50 2.99 5.71
N GLU B 34 22.15 1.98 4.93
CA GLU B 34 20.77 1.80 4.48
C GLU B 34 19.84 1.55 5.67
N SER B 35 20.22 0.61 6.54
CA SER B 35 19.38 0.28 7.69
C SER B 35 19.16 1.47 8.63
N TYR B 36 20.23 2.18 8.96
CA TYR B 36 20.13 3.32 9.88
C TYR B 36 19.30 4.46 9.30
N HIS B 37 19.40 4.69 8.00
CA HIS B 37 18.59 5.70 7.36
C HIS B 37 17.11 5.23 7.32
N LEU B 38 16.84 3.94 7.18
CA LEU B 38 15.44 3.45 7.24
C LEU B 38 14.87 3.75 8.63
N ILE B 39 15.65 3.45 9.67
CA ILE B 39 15.23 3.76 11.05
C ILE B 39 14.97 5.24 11.21
N ARG B 40 15.86 6.10 10.72
CA ARG B 40 15.62 7.54 10.78
C ARG B 40 14.29 7.92 10.09
N ASP B 41 14.09 7.39 8.89
CA ASP B 41 12.90 7.77 8.15
C ASP B 41 11.64 7.33 8.91
N SER B 42 11.67 6.13 9.45
CA SER B 42 10.55 5.61 10.23
C SER B 42 10.28 6.49 11.41
N MET B 43 11.31 6.82 12.17
CA MET B 43 11.11 7.62 13.35
C MET B 43 10.58 9.01 13.02
N ARG B 44 11.06 9.60 11.94
CA ARG B 44 10.64 10.94 11.61
C ARG B 44 9.30 10.99 10.91
N GLY B 45 8.79 9.82 10.54
CA GLY B 45 7.55 9.75 9.80
C GLY B 45 7.74 10.16 8.36
N ASP B 46 8.97 10.00 7.83
CA ASP B 46 9.31 10.34 6.46
C ASP B 46 9.23 9.14 5.53
N THR B 47 8.07 8.50 5.49
CA THR B 47 7.85 7.31 4.68
C THR B 47 6.53 7.39 3.95
N PRO B 48 6.44 6.72 2.82
CA PRO B 48 5.15 6.65 2.17
C PRO B 48 4.40 5.57 2.93
N GLU B 49 3.18 5.28 2.53
CA GLU B 49 2.41 4.23 3.17
C GLU B 49 3.05 2.86 2.92
N VAL B 50 3.51 2.65 1.70
CA VAL B 50 4.13 1.41 1.35
C VAL B 50 5.59 1.68 1.03
N LEU B 51 6.50 1.05 1.78
CA LEU B 51 7.90 1.13 1.52
C LEU B 51 8.29 0.19 0.40
N HIS B 52 9.13 0.69 -0.50
CA HIS B 52 9.71 -0.13 -1.54
C HIS B 52 11.21 -0.19 -1.25
N PHE B 53 11.78 -1.37 -1.30
CA PHE B 53 13.20 -1.50 -0.94
C PHE B 53 14.12 -1.61 -2.14
N ASP B 54 13.59 -1.42 -3.35
CA ASP B 54 14.41 -1.50 -4.53
C ASP B 54 14.65 -0.15 -5.20
N ILE B 55 14.32 0.94 -4.53
CA ILE B 55 14.46 2.22 -5.17
C ILE B 55 15.90 2.53 -5.58
N SER B 56 16.84 2.47 -4.66
CA SER B 56 18.19 2.88 -4.96
C SER B 56 18.81 2.01 -6.02
N SER B 57 18.49 0.72 -6.01
CA SER B 57 19.07 -0.19 -7.00
C SER B 57 18.56 0.16 -8.38
N ARG B 58 17.28 0.44 -8.47
CA ARG B 58 16.71 0.86 -9.75
C ARG B 58 17.32 2.17 -10.24
N VAL B 59 17.49 3.13 -9.34
CA VAL B 59 18.09 4.40 -9.72
C VAL B 59 19.50 4.19 -10.24
N MET B 60 20.34 3.53 -9.46
CA MET B 60 21.72 3.32 -9.86
C MET B 60 21.83 2.54 -11.19
N ALA B 61 20.95 1.58 -11.41
CA ALA B 61 20.99 0.83 -12.66
C ALA B 61 20.73 1.79 -13.82
N ALA B 62 19.90 2.80 -13.60
CA ALA B 62 19.61 3.79 -14.64
C ALA B 62 20.78 4.79 -14.83
N ILE B 63 21.53 5.00 -13.77
CA ILE B 63 22.68 5.89 -13.81
C ILE B 63 23.80 5.21 -14.60
N GLU B 64 23.96 3.91 -14.38
CA GLU B 64 25.02 3.15 -15.03
C GLU B 64 24.94 3.19 -16.55
N GLU B 65 23.73 3.37 -17.08
CA GLU B 65 23.48 3.41 -18.52
C GLU B 65 23.54 4.82 -19.11
N GLU B 66 23.83 5.81 -18.27
CA GLU B 66 23.87 7.19 -18.72
C GLU B 66 25.03 7.94 -18.06
N SER C 2 -16.49 -14.36 -13.04
CA SER C 2 -16.29 -12.89 -12.82
C SER C 2 -17.38 -12.08 -13.50
N HIS C 3 -18.40 -12.79 -13.98
CA HIS C 3 -19.33 -12.17 -14.87
C HIS C 3 -20.81 -12.37 -14.53
N MET C 4 -21.53 -12.95 -15.48
CA MET C 4 -22.95 -12.88 -15.49
C MET C 4 -23.71 -13.32 -14.29
N SER C 5 -23.40 -14.48 -13.75
CA SER C 5 -24.19 -14.98 -12.64
C SER C 5 -24.07 -14.04 -11.45
N GLU C 6 -22.94 -13.37 -11.34
CA GLU C 6 -22.73 -12.48 -10.23
C GLU C 6 -23.50 -11.15 -10.37
N GLN C 7 -23.72 -10.73 -11.61
CA GLN C 7 -24.55 -9.58 -11.88
C GLN C 7 -26.02 -9.79 -11.46
N LEU C 8 -26.52 -11.01 -11.57
CA LEU C 8 -27.86 -11.34 -11.15
C LEU C 8 -28.03 -11.02 -9.68
N THR C 9 -27.06 -11.43 -8.89
CA THR C 9 -27.12 -11.26 -7.45
C THR C 9 -27.09 -9.78 -7.16
N ASP C 10 -26.22 -9.07 -7.87
CA ASP C 10 -26.10 -7.63 -7.67
C ASP C 10 -27.44 -6.96 -7.90
N GLN C 11 -28.07 -7.29 -9.02
CA GLN C 11 -29.32 -6.65 -9.35
C GLN C 11 -30.42 -6.98 -8.36
N VAL C 12 -30.49 -8.20 -7.85
CA VAL C 12 -31.55 -8.51 -6.88
C VAL C 12 -31.27 -7.79 -5.58
N LEU C 13 -30.01 -7.61 -5.24
CA LEU C 13 -29.69 -6.88 -4.02
C LEU C 13 -30.06 -5.39 -4.22
N VAL C 14 -29.76 -4.85 -5.39
CA VAL C 14 -30.13 -3.46 -5.64
C VAL C 14 -31.64 -3.27 -5.49
N GLU C 15 -32.45 -4.22 -5.98
CA GLU C 15 -33.89 -4.06 -5.84
C GLU C 15 -34.32 -4.00 -4.37
N ARG C 16 -33.71 -4.81 -3.51
CA ARG C 16 -34.06 -4.77 -2.08
C ARG C 16 -33.72 -3.42 -1.48
N VAL C 17 -32.58 -2.86 -1.84
CA VAL C 17 -32.22 -1.53 -1.36
C VAL C 17 -33.22 -0.51 -1.86
N GLN C 18 -33.56 -0.56 -3.13
CA GLN C 18 -34.54 0.38 -3.67
C GLN C 18 -35.91 0.29 -2.94
N LYS C 19 -36.28 -0.89 -2.45
CA LYS C 19 -37.55 -1.06 -1.73
C LYS C 19 -37.45 -0.66 -0.27
N GLY C 20 -36.26 -0.23 0.15
CA GLY C 20 -36.04 0.29 1.48
C GLY C 20 -35.11 -0.46 2.40
N ASP C 21 -34.48 -1.54 1.94
CA ASP C 21 -33.60 -2.34 2.81
C ASP C 21 -32.15 -1.88 2.79
N GLN C 22 -31.78 -1.12 3.80
CA GLN C 22 -30.43 -0.59 3.91
C GLN C 22 -29.41 -1.68 4.17
N LYS C 23 -29.80 -2.72 4.89
CA LYS C 23 -28.85 -3.78 5.21
C LYS C 23 -28.44 -4.46 3.93
N ALA C 24 -29.32 -4.53 2.97
CA ALA C 24 -28.94 -5.11 1.69
C ALA C 24 -27.82 -4.28 1.04
N PHE C 25 -27.82 -2.99 1.28
CA PHE C 25 -26.82 -2.16 0.64
C PHE C 25 -25.44 -2.51 1.18
N ASN C 26 -25.37 -2.85 2.46
CA ASN C 26 -24.08 -3.21 3.05
C ASN C 26 -23.51 -4.43 2.34
N LEU C 27 -24.39 -5.36 1.91
CA LEU C 27 -23.92 -6.52 1.15
C LEU C 27 -23.26 -6.10 -0.15
N LEU C 28 -23.84 -5.13 -0.84
CA LEU C 28 -23.24 -4.63 -2.07
C LEU C 28 -21.94 -3.87 -1.82
N VAL C 29 -21.91 -3.02 -0.80
CA VAL C 29 -20.71 -2.29 -0.50
C VAL C 29 -19.55 -3.25 -0.20
N VAL C 30 -19.84 -4.26 0.61
CA VAL C 30 -18.84 -5.23 1.01
C VAL C 30 -18.31 -6.00 -0.18
N ARG C 31 -19.20 -6.31 -1.11
CA ARG C 31 -18.81 -6.96 -2.32
C ARG C 31 -17.92 -6.14 -3.21
N TYR C 32 -18.22 -4.84 -3.32
CA TYR C 32 -17.48 -3.98 -4.22
C TYR C 32 -16.37 -3.14 -3.61
N GLN C 33 -16.23 -3.14 -2.29
CA GLN C 33 -15.27 -2.22 -1.66
C GLN C 33 -13.83 -2.25 -2.17
N HIS C 34 -13.26 -3.45 -2.37
CA HIS C 34 -11.89 -3.54 -2.75
C HIS C 34 -11.72 -3.32 -4.22
N LYS C 35 -12.71 -3.75 -5.01
CA LYS C 35 -12.70 -3.51 -6.44
C LYS C 35 -12.81 -2.00 -6.73
N VAL C 36 -13.67 -1.30 -6.01
CA VAL C 36 -13.78 0.13 -6.16
C VAL C 36 -12.48 0.78 -5.67
N ALA C 37 -11.91 0.30 -4.56
CA ALA C 37 -10.66 0.87 -4.07
C ALA C 37 -9.56 0.70 -5.10
N SER C 38 -9.53 -0.47 -5.74
CA SER C 38 -8.53 -0.75 -6.75
C SER C 38 -8.62 0.28 -7.90
N LEU C 39 -9.83 0.50 -8.40
CA LEU C 39 -10.06 1.43 -9.48
C LEU C 39 -9.68 2.85 -9.08
N VAL C 40 -10.17 3.29 -7.93
CA VAL C 40 -9.90 4.63 -7.44
C VAL C 40 -8.39 4.86 -7.22
N SER C 41 -7.67 3.83 -6.79
CA SER C 41 -6.24 3.93 -6.52
C SER C 41 -5.46 4.12 -7.78
N ARG C 42 -6.09 3.90 -8.92
CA ARG C 42 -5.44 4.21 -10.19
C ARG C 42 -5.48 5.72 -10.46
N TYR C 43 -6.31 6.47 -9.73
CA TYR C 43 -6.54 7.87 -10.05
C TYR C 43 -6.06 8.86 -9.04
N VAL C 44 -6.11 8.50 -7.77
CA VAL C 44 -5.73 9.42 -6.72
C VAL C 44 -4.68 8.82 -5.81
N PRO C 45 -3.95 9.68 -5.11
CA PRO C 45 -2.90 9.24 -4.19
C PRO C 45 -3.43 8.33 -3.12
N SER C 46 -2.58 7.45 -2.64
CA SER C 46 -2.97 6.45 -1.68
C SER C 46 -3.69 7.06 -0.46
N GLY C 47 -3.26 8.23 -0.03
CA GLY C 47 -3.84 8.87 1.14
C GLY C 47 -5.28 9.34 0.94
N ASP C 48 -5.74 9.36 -0.30
CA ASP C 48 -7.07 9.86 -0.56
C ASP C 48 -8.01 8.75 -0.97
N VAL C 49 -7.48 7.53 -1.14
CA VAL C 49 -8.29 6.43 -1.64
C VAL C 49 -9.50 6.18 -0.78
N PRO C 50 -9.29 6.03 0.52
CA PRO C 50 -10.39 5.72 1.44
C PRO C 50 -11.49 6.79 1.39
N ASP C 51 -11.12 8.07 1.42
CA ASP C 51 -12.09 9.18 1.35
C ASP C 51 -12.88 9.17 0.02
N VAL C 52 -12.19 8.93 -1.10
CA VAL C 52 -12.88 8.89 -2.38
C VAL C 52 -13.80 7.64 -2.51
N VAL C 53 -13.37 6.54 -1.95
CA VAL C 53 -14.15 5.34 -2.00
C VAL C 53 -15.42 5.56 -1.19
N GLN C 54 -15.26 6.17 -0.02
CA GLN C 54 -16.41 6.45 0.82
C GLN C 54 -17.45 7.29 0.07
N GLU C 55 -16.98 8.40 -0.51
CA GLU C 55 -17.86 9.33 -1.23
C GLU C 55 -18.55 8.63 -2.42
N ALA C 56 -17.84 7.77 -3.11
CA ALA C 56 -18.44 7.10 -4.24
C ALA C 56 -19.62 6.25 -3.81
N PHE C 57 -19.44 5.49 -2.74
CA PHE C 57 -20.52 4.62 -2.25
C PHE C 57 -21.74 5.44 -1.77
N ILE C 58 -21.49 6.56 -1.11
CA ILE C 58 -22.57 7.43 -0.64
C ILE C 58 -23.34 7.98 -1.83
N LYS C 59 -22.60 8.43 -2.83
CA LYS C 59 -23.24 8.94 -4.03
C LYS C 59 -23.99 7.85 -4.72
N ALA C 60 -23.48 6.62 -4.74
CA ALA C 60 -24.22 5.55 -5.35
C ALA C 60 -25.53 5.31 -4.62
N TYR C 61 -25.47 5.25 -3.31
CA TYR C 61 -26.66 5.03 -2.49
C TYR C 61 -27.69 6.12 -2.83
N ARG C 62 -27.23 7.35 -2.91
CA ARG C 62 -28.14 8.47 -3.12
C ARG C 62 -28.80 8.44 -4.50
N ALA C 63 -28.08 7.95 -5.49
CA ALA C 63 -28.60 7.88 -6.84
C ALA C 63 -29.22 6.52 -7.22
N LEU C 64 -29.26 5.57 -6.31
CA LEU C 64 -29.69 4.21 -6.65
C LEU C 64 -31.09 4.08 -7.27
N ASP C 65 -32.01 4.97 -6.92
CA ASP C 65 -33.33 4.97 -7.54
C ASP C 65 -33.23 5.16 -9.05
N SER C 66 -32.14 5.77 -9.55
CA SER C 66 -32.03 5.98 -10.99
C SER C 66 -31.46 4.75 -11.71
N PHE C 67 -30.96 3.74 -10.99
CA PHE C 67 -30.46 2.53 -11.64
C PHE C 67 -31.62 1.63 -12.06
N ARG C 68 -31.64 1.24 -13.34
CA ARG C 68 -32.72 0.41 -13.91
C ARG C 68 -32.29 -0.90 -14.56
N GLY C 69 -31.00 -1.22 -14.50
CA GLY C 69 -30.49 -2.37 -15.22
C GLY C 69 -30.16 -2.01 -16.66
N ASP C 70 -30.15 -0.71 -16.99
CA ASP C 70 -29.80 -0.28 -18.34
C ASP C 70 -28.31 -0.50 -18.68
N SER C 71 -27.52 -0.85 -17.67
CA SER C 71 -26.15 -1.28 -17.85
C SER C 71 -25.90 -2.25 -16.69
N ALA C 72 -24.76 -2.90 -16.65
CA ALA C 72 -24.46 -3.75 -15.49
C ALA C 72 -24.32 -2.87 -14.25
N PHE C 73 -24.68 -3.37 -13.08
CA PHE C 73 -24.54 -2.58 -11.88
C PHE C 73 -23.09 -2.17 -11.63
N TYR C 74 -22.14 -3.09 -11.82
CA TYR C 74 -20.72 -2.76 -11.61
C TYR C 74 -20.26 -1.59 -12.51
N THR C 75 -20.69 -1.58 -13.75
CA THR C 75 -20.35 -0.49 -14.68
C THR C 75 -20.90 0.84 -14.18
N TRP C 76 -22.15 0.83 -13.73
CA TRP C 76 -22.79 2.03 -13.22
C TRP C 76 -22.04 2.54 -11.99
N LEU C 77 -21.68 1.64 -11.10
CA LEU C 77 -20.95 1.99 -9.88
C LEU C 77 -19.53 2.49 -10.20
N TYR C 78 -18.83 1.80 -11.07
CA TYR C 78 -17.48 2.21 -11.44
C TYR C 78 -17.50 3.61 -12.06
N ARG C 79 -18.49 3.91 -12.88
CA ARG C 79 -18.62 5.23 -13.49
C ARG C 79 -18.75 6.30 -12.40
N ILE C 80 -19.55 6.03 -11.39
CA ILE C 80 -19.68 6.96 -10.27
C ILE C 80 -18.35 7.07 -9.53
N ALA C 81 -17.65 5.95 -9.35
CA ALA C 81 -16.39 6.03 -8.66
C ALA C 81 -15.36 6.88 -9.42
N VAL C 82 -15.27 6.69 -10.72
CA VAL C 82 -14.31 7.43 -11.52
C VAL C 82 -14.66 8.92 -11.50
N ASN C 83 -15.94 9.24 -11.59
CA ASN C 83 -16.37 10.62 -11.49
C ASN C 83 -15.96 11.23 -10.18
N THR C 84 -16.19 10.50 -9.09
CA THR C 84 -15.86 10.98 -7.78
C THR C 84 -14.36 11.23 -7.67
N ALA C 85 -13.58 10.33 -8.25
CA ALA C 85 -12.14 10.45 -8.20
C ALA C 85 -11.66 11.70 -8.93
N LYS C 86 -12.25 11.95 -10.09
CA LYS C 86 -11.88 13.09 -10.91
C LYS C 86 -12.27 14.40 -10.24
N ASN C 87 -13.46 14.43 -9.66
CA ASN C 87 -13.91 15.62 -8.98
C ASN C 87 -13.02 15.88 -7.79
N TYR C 88 -12.60 14.82 -7.15
CA TYR C 88 -11.70 14.96 -6.03
C TYR C 88 -10.42 15.63 -6.52
N LEU C 89 -9.85 15.13 -7.60
CA LEU C 89 -8.60 15.65 -8.11
C LEU C 89 -8.71 17.15 -8.39
N VAL C 90 -9.75 17.55 -9.10
CA VAL C 90 -9.90 18.94 -9.44
C VAL C 90 -10.15 19.78 -8.18
N ALA C 91 -10.94 19.25 -7.25
CA ALA C 91 -11.31 20.03 -6.07
C ALA C 91 -10.07 20.04 -5.17
N GLN C 92 -9.02 19.44 -5.72
CA GLN C 92 -7.73 19.34 -5.06
C GLN C 92 -6.66 19.98 -5.97
N GLY C 93 -5.40 19.66 -5.70
CA GLY C 93 -4.29 20.38 -6.30
C GLY C 93 -4.59 21.86 -6.44
N ARG C 94 -5.84 22.20 -6.74
CA ARG C 94 -6.32 23.58 -6.70
C ARG C 94 -7.68 23.61 -6.00
N ASN C 123 -6.29 -0.07 10.24
CA ASN C 123 -6.81 -1.40 9.88
C ASN C 123 -6.03 -2.24 8.87
N LEU C 124 -4.92 -1.72 8.35
CA LEU C 124 -4.41 -2.11 7.04
C LEU C 124 -3.63 -3.38 6.85
N MET C 125 -3.53 -3.78 5.59
CA MET C 125 -2.73 -4.92 5.23
C MET C 125 -2.37 -4.85 3.76
N LEU C 126 -1.15 -5.26 3.41
CA LEU C 126 -0.73 -5.31 2.00
C LEU C 126 -1.46 -6.44 1.33
N SER C 127 -2.04 -6.15 0.16
CA SER C 127 -2.82 -7.13 -0.55
C SER C 127 -1.95 -8.30 -0.98
N GLU C 128 -0.71 -8.01 -1.32
CA GLU C 128 0.22 -9.06 -1.72
C GLU C 128 0.45 -10.07 -0.59
N GLU C 129 0.47 -9.60 0.66
CA GLU C 129 0.62 -10.50 1.79
C GLU C 129 -0.62 -11.40 1.96
N LEU C 130 -1.84 -10.83 1.92
CA LEU C 130 -3.03 -11.64 1.99
C LEU C 130 -3.08 -12.67 0.85
N ARG C 131 -2.68 -12.22 -0.34
CA ARG C 131 -2.71 -13.11 -1.48
C ARG C 131 -1.77 -14.32 -1.30
N GLN C 132 -0.59 -14.09 -0.73
CA GLN C 132 0.35 -15.17 -0.46
C GLN C 132 -0.29 -16.20 0.48
N ILE C 133 -0.95 -15.71 1.51
CA ILE C 133 -1.62 -16.58 2.47
C ILE C 133 -2.78 -17.30 1.85
N VAL C 134 -3.57 -16.61 1.03
CA VAL C 134 -4.69 -17.31 0.41
C VAL C 134 -4.17 -18.44 -0.51
N PHE C 135 -3.20 -18.14 -1.35
CA PHE C 135 -2.71 -19.19 -2.23
C PHE C 135 -1.92 -20.32 -1.57
N ARG C 136 -1.24 -20.02 -0.48
CA ARG C 136 -0.55 -21.06 0.27
C ARG C 136 -1.59 -22.02 0.80
N THR C 137 -2.69 -21.48 1.33
CA THR C 137 -3.73 -22.34 1.82
C THR C 137 -4.33 -23.14 0.64
N ILE C 138 -4.63 -22.47 -0.47
CA ILE C 138 -5.22 -23.18 -1.60
C ILE C 138 -4.31 -24.34 -2.03
N GLU C 139 -3.02 -24.09 -2.06
CA GLU C 139 -2.09 -25.10 -2.56
C GLU C 139 -1.96 -26.27 -1.57
N SER C 140 -2.43 -26.12 -0.34
CA SER C 140 -2.37 -27.19 0.64
C SER C 140 -3.71 -27.95 0.72
N LEU C 141 -4.73 -27.47 0.03
CA LEU C 141 -6.02 -28.12 0.05
C LEU C 141 -5.99 -29.48 -0.64
N PRO C 142 -6.96 -30.33 -0.29
CA PRO C 142 -7.22 -31.54 -1.06
C PRO C 142 -7.40 -31.15 -2.52
N GLU C 143 -6.93 -31.97 -3.45
CA GLU C 143 -6.90 -31.54 -4.85
C GLU C 143 -8.29 -31.20 -5.33
N ASP C 144 -9.33 -31.89 -4.84
CA ASP C 144 -10.67 -31.60 -5.35
C ASP C 144 -11.22 -30.26 -4.85
N LEU C 145 -10.86 -29.86 -3.64
CA LEU C 145 -11.28 -28.58 -3.15
C LEU C 145 -10.54 -27.49 -3.95
N ARG C 146 -9.26 -27.70 -4.22
CA ARG C 146 -8.47 -26.74 -4.98
C ARG C 146 -9.07 -26.56 -6.38
N MET C 147 -9.33 -27.68 -7.06
CA MET C 147 -9.94 -27.62 -8.37
C MET C 147 -11.29 -26.87 -8.38
N ALA C 148 -12.17 -27.17 -7.43
CA ALA C 148 -13.47 -26.57 -7.38
C ALA C 148 -13.39 -25.09 -7.19
N ILE C 149 -12.66 -24.65 -6.18
CA ILE C 149 -12.60 -23.20 -5.90
C ILE C 149 -11.84 -22.48 -7.00
N THR C 150 -10.82 -23.08 -7.59
CA THR C 150 -10.14 -22.35 -8.68
C THR C 150 -10.98 -22.28 -9.97
N LEU C 151 -11.69 -23.35 -10.31
CA LEU C 151 -12.56 -23.30 -11.49
C LEU C 151 -13.67 -22.24 -11.35
N ARG C 152 -14.22 -22.10 -10.14
CA ARG C 152 -15.25 -21.11 -9.85
C ARG C 152 -14.69 -19.69 -9.89
N GLU C 153 -13.68 -19.44 -9.07
CA GLU C 153 -13.22 -18.08 -8.81
C GLU C 153 -12.27 -17.54 -9.87
N LEU C 154 -11.45 -18.41 -10.45
CA LEU C 154 -10.49 -18.00 -11.45
C LEU C 154 -11.00 -18.19 -12.87
N ASP C 155 -11.66 -19.31 -13.15
CA ASP C 155 -12.17 -19.51 -14.50
C ASP C 155 -13.64 -19.09 -14.65
N GLY C 156 -14.29 -18.72 -13.56
CA GLY C 156 -15.65 -18.24 -13.61
C GLY C 156 -16.72 -19.31 -13.92
N LEU C 157 -16.39 -20.61 -13.88
CA LEU C 157 -17.35 -21.62 -14.27
C LEU C 157 -18.49 -21.77 -13.25
N SER C 158 -19.64 -22.15 -13.76
CA SER C 158 -20.82 -22.42 -12.92
C SER C 158 -20.73 -23.74 -12.21
N TYR C 159 -21.58 -23.93 -11.21
CA TYR C 159 -21.58 -25.21 -10.56
C TYR C 159 -21.84 -26.38 -11.52
N GLU C 160 -22.76 -26.26 -12.47
CA GLU C 160 -23.07 -27.39 -13.32
C GLU C 160 -21.90 -27.68 -14.28
N GLU C 161 -21.15 -26.63 -14.66
CA GLU C 161 -20.01 -26.78 -15.53
C GLU C 161 -18.90 -27.50 -14.81
N ILE C 162 -18.68 -27.15 -13.54
CA ILE C 162 -17.66 -27.85 -12.75
C ILE C 162 -18.09 -29.29 -12.47
N ALA C 163 -19.38 -29.47 -12.18
CA ALA C 163 -19.93 -30.80 -11.95
C ALA C 163 -19.69 -31.73 -13.14
N ALA C 164 -19.80 -31.18 -14.34
CA ALA C 164 -19.59 -31.97 -15.55
C ALA C 164 -18.12 -32.34 -15.68
N ILE C 165 -17.24 -31.38 -15.42
CA ILE C 165 -15.80 -31.65 -15.47
C ILE C 165 -15.38 -32.65 -14.38
N MET C 166 -15.91 -32.51 -13.17
CA MET C 166 -15.52 -33.39 -12.08
C MET C 166 -16.40 -34.66 -11.93
N ASP C 167 -17.36 -34.81 -12.83
CA ASP C 167 -18.27 -35.95 -12.84
C ASP C 167 -18.92 -36.19 -11.47
N CYS C 168 -19.56 -35.16 -10.93
CA CYS C 168 -20.20 -35.33 -9.63
C CYS C 168 -21.42 -34.47 -9.67
N PRO C 169 -22.32 -34.64 -8.72
CA PRO C 169 -23.51 -33.78 -8.65
C PRO C 169 -23.16 -32.33 -8.33
N VAL C 170 -24.05 -31.45 -8.71
CA VAL C 170 -23.93 -30.06 -8.44
C VAL C 170 -23.81 -29.77 -6.94
N GLY C 171 -24.55 -30.52 -6.13
CA GLY C 171 -24.52 -30.27 -4.69
C GLY C 171 -23.17 -30.61 -4.11
N THR C 172 -22.45 -31.51 -4.77
CA THR C 172 -21.13 -31.86 -4.36
C THR C 172 -20.15 -30.72 -4.72
N VAL C 173 -20.34 -30.06 -5.86
CA VAL C 173 -19.51 -28.91 -6.22
C VAL C 173 -19.75 -27.81 -5.18
N ARG C 174 -21.02 -27.57 -4.87
CA ARG C 174 -21.38 -26.57 -3.86
C ARG C 174 -20.65 -26.82 -2.55
N SER C 175 -20.67 -28.07 -2.10
CA SER C 175 -20.04 -28.47 -0.86
C SER C 175 -18.53 -28.26 -0.89
N ARG C 176 -17.89 -28.67 -1.97
CA ARG C 176 -16.48 -28.49 -2.12
C ARG C 176 -16.04 -27.02 -2.08
N ILE C 177 -16.77 -26.16 -2.78
CA ILE C 177 -16.40 -24.77 -2.84
C ILE C 177 -16.55 -24.16 -1.45
N PHE C 178 -17.64 -24.52 -0.77
CA PHE C 178 -17.89 -24.02 0.59
C PHE C 178 -16.79 -24.45 1.55
N ARG C 179 -16.42 -25.72 1.49
CA ARG C 179 -15.38 -26.24 2.39
C ARG C 179 -14.01 -25.59 2.14
N ALA C 180 -13.70 -25.29 0.90
CA ALA C 180 -12.49 -24.54 0.55
C ALA C 180 -12.55 -23.12 1.11
N ARG C 181 -13.69 -22.46 0.96
CA ARG C 181 -13.79 -21.14 1.49
C ARG C 181 -13.62 -21.15 3.00
N GLU C 182 -14.23 -22.13 3.68
CA GLU C 182 -14.09 -22.25 5.11
C GLU C 182 -12.63 -22.46 5.53
N ALA C 183 -11.91 -23.30 4.79
CA ALA C 183 -10.51 -23.53 5.12
C ALA C 183 -9.66 -22.22 4.97
N ILE C 184 -9.93 -21.42 3.94
CA ILE C 184 -9.20 -20.19 3.70
C ILE C 184 -9.60 -19.13 4.74
N ASP C 185 -10.89 -19.02 4.98
CA ASP C 185 -11.43 -18.08 5.95
C ASP C 185 -10.80 -18.31 7.32
N ASN C 186 -10.55 -19.57 7.67
CA ASN C 186 -9.94 -19.87 8.93
C ASN C 186 -8.56 -19.18 9.07
N LYS C 187 -7.78 -19.17 8.00
CA LYS C 187 -6.47 -18.51 7.96
C LYS C 187 -6.57 -17.02 7.81
N VAL C 188 -7.58 -16.52 7.15
CA VAL C 188 -7.67 -15.09 6.95
C VAL C 188 -8.08 -14.31 8.24
N GLN C 189 -9.05 -14.80 8.99
CA GLN C 189 -9.58 -14.07 10.15
C GLN C 189 -8.55 -13.46 11.11
N PRO C 190 -7.67 -14.28 11.68
CA PRO C 190 -6.75 -13.75 12.68
C PRO C 190 -5.84 -12.68 12.08
N LEU C 191 -5.84 -12.52 10.75
CA LEU C 191 -5.04 -11.49 10.10
C LEU C 191 -5.82 -10.23 9.83
N ILE C 192 -7.12 -10.37 9.63
CA ILE C 192 -7.94 -9.22 9.28
C ILE C 192 -8.55 -8.57 10.51
N ARG C 193 -8.56 -9.32 11.60
CA ARG C 193 -9.16 -8.86 12.85
C ARG C 193 -8.34 -7.75 13.45
N MET D 1 -30.29 -19.79 8.32
CA MET D 1 -29.68 -20.35 7.08
C MET D 1 -28.27 -20.88 7.36
N GLN D 2 -27.76 -21.69 6.44
CA GLN D 2 -26.44 -22.29 6.53
C GLN D 2 -25.42 -21.52 5.70
N LYS D 3 -24.18 -21.54 6.17
CA LYS D 3 -23.11 -20.86 5.47
C LYS D 3 -22.93 -21.41 4.08
N GLU D 4 -23.22 -22.70 3.91
CA GLU D 4 -23.09 -23.30 2.60
C GLU D 4 -24.10 -22.64 1.65
N GLN D 5 -25.25 -22.22 2.16
CA GLN D 5 -26.24 -21.54 1.31
C GLN D 5 -25.71 -20.16 0.94
N LEU D 6 -25.08 -19.49 1.90
CA LEU D 6 -24.42 -18.20 1.63
C LEU D 6 -23.37 -18.36 0.50
N SER D 7 -22.59 -19.45 0.57
CA SER D 7 -21.60 -19.77 -0.46
C SER D 7 -22.27 -19.90 -1.86
N ALA D 8 -23.38 -20.64 -1.97
CA ALA D 8 -24.11 -20.71 -3.21
C ALA D 8 -24.60 -19.33 -3.69
N LEU D 9 -25.12 -18.54 -2.77
CA LEU D 9 -25.70 -17.24 -3.12
C LEU D 9 -24.65 -16.29 -3.77
N MET D 10 -23.43 -16.30 -3.26
CA MET D 10 -22.36 -15.45 -3.76
C MET D 10 -21.85 -15.89 -5.12
N ASP D 11 -22.14 -17.13 -5.46
CA ASP D 11 -21.80 -17.63 -6.75
C ASP D 11 -22.95 -17.47 -7.74
N GLY D 12 -24.02 -16.85 -7.31
CA GLY D 12 -25.19 -16.68 -8.16
C GLY D 12 -25.96 -17.96 -8.45
N GLU D 13 -25.75 -19.00 -7.65
CA GLU D 13 -26.34 -20.27 -7.90
C GLU D 13 -27.72 -20.41 -7.25
N THR D 14 -28.10 -19.48 -6.38
CA THR D 14 -29.45 -19.39 -5.91
C THR D 14 -29.74 -17.92 -5.80
N LEU D 15 -30.99 -17.56 -6.06
CA LEU D 15 -31.45 -16.20 -5.93
C LEU D 15 -32.61 -16.14 -4.94
N ASP D 16 -32.79 -17.19 -4.16
CA ASP D 16 -33.90 -17.29 -3.22
C ASP D 16 -34.08 -16.01 -2.42
N SER D 17 -35.23 -15.37 -2.54
CA SER D 17 -35.42 -14.06 -1.88
C SER D 17 -35.40 -14.15 -0.33
N GLU D 18 -35.83 -15.27 0.21
CA GLU D 18 -35.81 -15.45 1.64
C GLU D 18 -34.37 -15.61 2.14
N LEU D 19 -33.57 -16.34 1.37
CA LEU D 19 -32.16 -16.49 1.70
C LEU D 19 -31.47 -15.12 1.63
N LEU D 20 -31.70 -14.37 0.56
CA LEU D 20 -31.09 -13.02 0.47
C LEU D 20 -31.47 -12.14 1.63
N ASN D 21 -32.71 -12.17 2.05
CA ASN D 21 -33.14 -11.34 3.17
C ASN D 21 -32.49 -11.75 4.47
N GLU D 22 -32.49 -13.05 4.74
CA GLU D 22 -31.86 -13.58 5.94
C GLU D 22 -30.37 -13.21 5.98
N LEU D 23 -29.68 -13.37 4.84
CA LEU D 23 -28.26 -13.00 4.71
C LEU D 23 -28.05 -11.53 5.09
N ALA D 24 -28.91 -10.66 4.59
CA ALA D 24 -28.79 -9.26 4.89
C ALA D 24 -29.01 -8.95 6.38
N HIS D 25 -29.91 -9.68 7.03
CA HIS D 25 -30.30 -9.30 8.39
C HIS D 25 -29.70 -10.21 9.50
N ASN D 26 -28.77 -11.09 9.14
CA ASN D 26 -28.09 -11.96 10.10
C ASN D 26 -26.62 -11.49 10.18
N PRO D 27 -26.22 -10.93 11.33
CA PRO D 27 -24.88 -10.37 11.45
C PRO D 27 -23.78 -11.38 11.24
N GLU D 28 -24.01 -12.64 11.58
CA GLU D 28 -22.98 -13.64 11.35
C GLU D 28 -22.82 -13.92 9.86
N MET D 29 -23.92 -13.91 9.13
CA MET D 29 -23.88 -14.15 7.71
C MET D 29 -23.20 -12.96 7.02
N GLN D 30 -23.48 -11.73 7.47
CA GLN D 30 -22.80 -10.57 6.92
C GLN D 30 -21.28 -10.70 7.03
N LYS D 31 -20.79 -11.17 8.18
CA LYS D 31 -19.36 -11.37 8.41
C LYS D 31 -18.77 -12.41 7.44
N THR D 32 -19.45 -13.54 7.32
CA THR D 32 -19.00 -14.57 6.41
C THR D 32 -19.01 -14.03 4.99
N TRP D 33 -20.06 -13.30 4.64
CA TRP D 33 -20.15 -12.69 3.32
C TRP D 33 -18.92 -11.81 3.08
N GLU D 34 -18.54 -11.03 4.08
CA GLU D 34 -17.40 -10.14 3.94
C GLU D 34 -16.11 -10.96 3.74
N SER D 35 -15.95 -12.02 4.54
CA SER D 35 -14.74 -12.85 4.45
C SER D 35 -14.60 -13.54 3.08
N TYR D 36 -15.68 -14.16 2.63
CA TYR D 36 -15.64 -14.90 1.40
C TYR D 36 -15.40 -13.95 0.21
N HIS D 37 -15.92 -12.71 0.24
CA HIS D 37 -15.68 -11.76 -0.85
C HIS D 37 -14.25 -11.24 -0.83
N LEU D 38 -13.64 -11.14 0.36
CA LEU D 38 -12.25 -10.76 0.48
C LEU D 38 -11.39 -11.84 -0.19
N ILE D 39 -11.73 -13.10 0.04
CA ILE D 39 -11.05 -14.23 -0.58
C ILE D 39 -11.17 -14.19 -2.12
N ARG D 40 -12.37 -13.95 -2.60
CA ARG D 40 -12.61 -13.82 -4.03
C ARG D 40 -11.72 -12.71 -4.62
N ASP D 41 -11.76 -11.53 -3.99
CA ASP D 41 -11.00 -10.40 -4.52
C ASP D 41 -9.50 -10.70 -4.52
N SER D 42 -9.01 -11.34 -3.46
CA SER D 42 -7.62 -11.67 -3.36
C SER D 42 -7.25 -12.65 -4.45
N MET D 43 -8.08 -13.66 -4.67
CA MET D 43 -7.77 -14.66 -5.66
C MET D 43 -7.74 -14.05 -7.04
N ARG D 44 -8.66 -13.15 -7.29
CA ARG D 44 -8.79 -12.54 -8.60
C ARG D 44 -7.86 -11.36 -8.83
N GLY D 45 -7.16 -10.89 -7.81
CA GLY D 45 -6.34 -9.69 -7.96
C GLY D 45 -7.16 -8.38 -8.02
N ASP D 46 -8.40 -8.42 -7.61
CA ASP D 46 -9.24 -7.25 -7.59
C ASP D 46 -9.05 -6.44 -6.30
N THR D 47 -7.83 -6.06 -6.02
CA THR D 47 -7.49 -5.35 -4.80
C THR D 47 -6.55 -4.19 -5.13
N PRO D 48 -6.58 -3.18 -4.31
CA PRO D 48 -5.57 -2.12 -4.42
C PRO D 48 -4.31 -2.68 -3.78
N GLU D 49 -3.25 -1.88 -3.71
CA GLU D 49 -1.99 -2.34 -3.12
C GLU D 49 -2.17 -2.54 -1.60
N VAL D 50 -2.92 -1.62 -1.01
CA VAL D 50 -3.16 -1.58 0.42
C VAL D 50 -4.65 -1.82 0.73
N LEU D 51 -4.95 -2.85 1.51
CA LEU D 51 -6.34 -3.12 1.88
C LEU D 51 -6.75 -2.34 3.12
N HIS D 52 -7.91 -1.69 3.04
CA HIS D 52 -8.52 -1.00 4.17
C HIS D 52 -9.77 -1.82 4.54
N PHE D 53 -9.90 -2.19 5.81
CA PHE D 53 -11.02 -3.02 6.24
C PHE D 53 -12.18 -2.27 6.87
N ASP D 54 -12.13 -0.95 6.94
CA ASP D 54 -13.23 -0.24 7.57
C ASP D 54 -14.06 0.55 6.57
N ILE D 55 -13.86 0.30 5.28
CA ILE D 55 -14.62 1.04 4.27
C ILE D 55 -16.12 0.86 4.46
N SER D 56 -16.58 -0.39 4.52
CA SER D 56 -18.02 -0.67 4.61
C SER D 56 -18.62 -0.09 5.88
N SER D 57 -17.88 -0.15 6.98
CA SER D 57 -18.38 0.36 8.23
C SER D 57 -18.59 1.85 8.17
N ARG D 58 -17.64 2.57 7.59
CA ARG D 58 -17.74 4.04 7.44
C ARG D 58 -18.88 4.42 6.53
N VAL D 59 -19.11 3.63 5.48
CA VAL D 59 -20.18 3.94 4.57
C VAL D 59 -21.54 3.79 5.25
N MET D 60 -21.76 2.66 5.90
CA MET D 60 -23.05 2.44 6.55
C MET D 60 -23.29 3.49 7.64
N ALA D 61 -22.25 3.81 8.42
CA ALA D 61 -22.40 4.85 9.46
C ALA D 61 -22.89 6.15 8.85
N ALA D 62 -22.38 6.49 7.67
CA ALA D 62 -22.83 7.72 7.02
C ALA D 62 -24.27 7.56 6.56
N ILE D 63 -24.58 6.43 5.95
CA ILE D 63 -25.91 6.15 5.48
C ILE D 63 -26.94 6.08 6.61
N GLU D 64 -26.60 5.39 7.69
CA GLU D 64 -27.47 5.33 8.87
C GLU D 64 -27.63 6.72 9.45
#